data_7SKS
#
_entry.id   7SKS
#
_cell.length_a   85.954
_cell.length_b   85.954
_cell.length_c   402.506
_cell.angle_alpha   90
_cell.angle_beta   90
_cell.angle_gamma   120
#
_symmetry.space_group_name_H-M   'P 65 2 2'
#
loop_
_entity.id
_entity.type
_entity.pdbx_description
1 polymer 'Matrix protein'
2 water water
#
_entity_poly.entity_id   1
_entity_poly.type   'polypeptide(L)'
_entity_poly.pdbx_seq_one_letter_code
;MAGWSHPQFEKGGGSGGGSGGGSWSHPQFEKGGSDDDDKSGGTEIYDFDKSAWDIKGSIAPIQPTTYSDGRLVPQVRVID
PGLGDRKDECFMYMFLLGVVEDSDPLGPPIGRAFGSLPLGVGRSTAKPEELLKEATELDIVVRRTAGLNEKLVFYNNTPL
TLLTPWRKVLTTGSVFNANQVCNAVNLIPLDTPQRFRVVYMSITRLSDNGYYTVPRRMLEFRSVNAVAFNLLVTLRIDKA
IGPGKIIDNAEQLPEATFMVHIGNFRRKKSEVYSADYCKMKIEKMGLVFALGGIGGTSLHIRSTGKMSKTLHAQLGFKKT
LCYPLMDINEDLNRLLWRSRCKIVRIQAVLQPSVPQEFRIYDDVIINDDQGLFKVL
;
_entity_poly.pdbx_strand_id   A,B
#
# COMPACT_ATOMS: atom_id res chain seq x y z
N VAL A 73 -17.25 0.70 24.18
CA VAL A 73 -16.71 0.05 25.38
C VAL A 73 -15.50 -0.81 24.97
N PRO A 74 -14.32 -0.74 25.63
CA PRO A 74 -13.19 -1.59 25.20
C PRO A 74 -13.43 -3.08 25.40
N GLN A 75 -12.95 -3.91 24.45
CA GLN A 75 -13.09 -5.36 24.49
C GLN A 75 -11.75 -6.01 24.13
N VAL A 76 -11.54 -7.26 24.56
CA VAL A 76 -10.33 -8.03 24.27
C VAL A 76 -10.72 -9.39 23.71
N ARG A 77 -9.95 -9.88 22.74
CA ARG A 77 -10.17 -11.18 22.11
C ARG A 77 -8.86 -11.93 22.12
N VAL A 78 -8.90 -13.23 22.46
CA VAL A 78 -7.74 -14.11 22.46
C VAL A 78 -7.99 -15.11 21.34
N ILE A 79 -7.02 -15.27 20.46
CA ILE A 79 -7.08 -16.15 19.31
C ILE A 79 -5.97 -17.16 19.47
N ASP A 80 -6.26 -18.46 19.31
CA ASP A 80 -5.25 -19.49 19.39
C ASP A 80 -5.27 -20.30 18.09
N PRO A 81 -4.34 -20.07 17.14
CA PRO A 81 -4.33 -20.88 15.91
C PRO A 81 -4.25 -22.38 16.20
N GLY A 82 -3.38 -22.76 17.14
CA GLY A 82 -3.24 -24.13 17.60
C GLY A 82 -2.52 -25.07 16.66
N LEU A 83 -1.44 -24.61 16.00
CA LEU A 83 -0.65 -25.46 15.09
C LEU A 83 0.64 -25.93 15.77
N CYS A 90 3.01 -19.26 26.50
CA CYS A 90 3.64 -18.17 27.25
C CYS A 90 3.68 -16.90 26.40
N PHE A 91 4.08 -17.03 25.12
CA PHE A 91 4.27 -15.90 24.21
C PHE A 91 2.98 -15.53 23.55
N MET A 92 2.79 -14.23 23.33
CA MET A 92 1.57 -13.76 22.72
C MET A 92 1.79 -12.47 21.93
N TYR A 93 1.23 -12.40 20.73
CA TYR A 93 1.30 -11.23 19.88
C TYR A 93 0.17 -10.32 20.28
N MET A 94 0.45 -9.03 20.48
CA MET A 94 -0.57 -8.07 20.91
C MET A 94 -0.82 -7.05 19.82
N PHE A 95 -2.10 -6.83 19.51
CA PHE A 95 -2.53 -5.91 18.48
C PHE A 95 -3.62 -5.03 19.05
N LEU A 96 -3.46 -3.72 18.94
CA LEU A 96 -4.45 -2.78 19.46
C LEU A 96 -5.19 -2.08 18.32
N LEU A 97 -6.44 -1.74 18.58
CA LEU A 97 -7.28 -0.97 17.67
C LEU A 97 -7.73 0.23 18.49
N GLY A 98 -7.87 1.38 17.84
CA GLY A 98 -8.27 2.59 18.54
C GLY A 98 -8.56 3.74 17.63
N VAL A 99 -8.87 4.89 18.25
CA VAL A 99 -9.23 6.10 17.54
C VAL A 99 -8.10 7.10 17.59
N VAL A 100 -7.69 7.63 16.42
CA VAL A 100 -6.71 8.71 16.35
C VAL A 100 -7.55 9.97 16.55
N GLU A 101 -7.28 10.73 17.62
CA GLU A 101 -8.07 11.91 17.96
C GLU A 101 -7.25 13.06 18.52
N ASP A 102 -7.81 14.27 18.48
CA ASP A 102 -7.16 15.46 19.02
C ASP A 102 -6.92 15.30 20.52
N SER A 103 -5.73 15.67 21.00
CA SER A 103 -5.36 15.53 22.39
C SER A 103 -5.12 16.86 23.12
N ASP A 104 -5.34 18.01 22.47
CA ASP A 104 -5.16 19.31 23.13
C ASP A 104 -6.33 19.47 24.10
N PRO A 105 -6.08 19.64 25.42
CA PRO A 105 -7.20 19.80 26.35
C PRO A 105 -8.00 21.10 26.22
N LEU A 106 -7.54 22.06 25.39
CA LEU A 106 -8.29 23.31 25.14
C LEU A 106 -9.41 23.13 24.07
N GLY A 107 -9.40 22.01 23.34
CA GLY A 107 -10.39 21.69 22.33
C GLY A 107 -10.97 20.31 22.53
N PRO A 108 -12.04 19.96 21.77
CA PRO A 108 -12.66 18.63 21.94
C PRO A 108 -11.80 17.50 21.41
N PRO A 109 -12.03 16.27 21.91
CA PRO A 109 -11.28 15.12 21.39
C PRO A 109 -11.92 14.63 20.10
N ILE A 110 -11.78 15.41 19.01
CA ILE A 110 -12.38 15.07 17.73
C ILE A 110 -11.70 13.86 17.12
N GLY A 111 -12.49 12.85 16.76
CA GLY A 111 -12.00 11.65 16.10
C GLY A 111 -11.67 11.97 14.65
N ARG A 112 -10.44 11.66 14.24
CA ARG A 112 -9.93 11.93 12.90
C ARG A 112 -9.91 10.66 12.04
N ALA A 113 -9.48 9.54 12.62
CA ALA A 113 -9.36 8.28 11.89
C ALA A 113 -9.38 7.10 12.86
N PHE A 114 -9.70 5.92 12.38
CA PHE A 114 -9.63 4.68 13.15
C PHE A 114 -8.31 4.02 12.71
N GLY A 115 -7.60 3.44 13.65
CA GLY A 115 -6.31 2.81 13.34
C GLY A 115 -5.94 1.64 14.21
N SER A 116 -4.76 1.13 13.97
CA SER A 116 -4.23 -0.02 14.67
C SER A 116 -2.78 0.19 15.06
N LEU A 117 -2.34 -0.57 16.05
CA LEU A 117 -0.99 -0.49 16.54
C LEU A 117 -0.50 -1.90 16.84
N PRO A 118 0.16 -2.55 15.87
CA PRO A 118 0.76 -3.87 16.14
C PRO A 118 1.93 -3.73 17.14
N LEU A 119 1.87 -4.41 18.30
CA LEU A 119 2.95 -4.30 19.30
C LEU A 119 3.97 -5.43 19.26
N GLY A 120 3.70 -6.52 18.54
CA GLY A 120 4.64 -7.62 18.44
C GLY A 120 4.49 -8.66 19.52
N VAL A 121 5.47 -9.54 19.64
CA VAL A 121 5.45 -10.68 20.56
C VAL A 121 6.07 -10.35 21.91
N GLY A 122 5.60 -11.04 22.93
CA GLY A 122 6.06 -10.88 24.31
C GLY A 122 5.49 -11.94 25.22
N ARG A 123 6.23 -12.31 26.26
CA ARG A 123 5.78 -13.32 27.22
C ARG A 123 4.94 -12.67 28.29
N SER A 124 3.79 -13.26 28.63
CA SER A 124 2.96 -12.73 29.71
C SER A 124 2.00 -13.78 30.22
N THR A 125 1.83 -13.83 31.54
CA THR A 125 0.87 -14.71 32.20
C THR A 125 -0.29 -13.87 32.80
N ALA A 126 -0.47 -12.59 32.38
CA ALA A 126 -1.52 -11.72 32.90
C ALA A 126 -2.85 -12.05 32.25
N LYS A 127 -3.96 -11.77 32.95
CA LYS A 127 -5.28 -12.02 32.40
C LYS A 127 -5.54 -11.06 31.23
N PRO A 128 -6.12 -11.50 30.09
CA PRO A 128 -6.39 -10.56 28.98
C PRO A 128 -7.13 -9.27 29.36
N GLU A 129 -8.08 -9.36 30.30
CA GLU A 129 -8.85 -8.22 30.77
C GLU A 129 -7.97 -7.22 31.54
N GLU A 130 -6.92 -7.71 32.22
CA GLU A 130 -5.96 -6.86 32.94
C GLU A 130 -5.04 -6.17 31.93
N LEU A 131 -4.57 -6.88 30.89
CA LEU A 131 -3.73 -6.27 29.87
C LEU A 131 -4.52 -5.20 29.11
N LEU A 132 -5.81 -5.47 28.81
CA LEU A 132 -6.68 -4.51 28.15
C LEU A 132 -6.84 -3.26 29.01
N LYS A 133 -7.13 -3.41 30.31
CA LYS A 133 -7.33 -2.27 31.20
C LYS A 133 -6.13 -1.35 31.22
N GLU A 134 -4.90 -1.93 31.25
CA GLU A 134 -3.69 -1.12 31.23
C GLU A 134 -3.53 -0.42 29.86
N ALA A 135 -3.76 -1.14 28.75
CA ALA A 135 -3.64 -0.57 27.41
C ALA A 135 -4.55 0.65 27.22
N THR A 136 -5.79 0.59 27.73
CA THR A 136 -6.74 1.71 27.61
C THR A 136 -6.31 2.95 28.43
N GLU A 137 -5.47 2.76 29.46
CA GLU A 137 -4.96 3.86 30.29
C GLU A 137 -3.67 4.50 29.69
N LEU A 138 -3.08 3.93 28.63
CA LEU A 138 -1.85 4.48 28.05
C LEU A 138 -2.11 5.78 27.30
N ASP A 139 -1.14 6.71 27.39
CA ASP A 139 -1.15 7.97 26.65
C ASP A 139 -0.24 7.76 25.45
N ILE A 140 -0.83 7.36 24.30
CA ILE A 140 -0.08 7.08 23.08
C ILE A 140 -0.21 8.26 22.10
N VAL A 141 0.92 8.77 21.61
CA VAL A 141 0.99 9.87 20.67
C VAL A 141 1.11 9.33 19.25
N VAL A 142 0.38 9.94 18.31
CA VAL A 142 0.43 9.61 16.90
C VAL A 142 0.97 10.82 16.19
N ARG A 143 1.98 10.62 15.33
CA ARG A 143 2.56 11.68 14.55
C ARG A 143 2.56 11.25 13.07
N ARG A 144 1.87 11.99 12.21
CA ARG A 144 1.82 11.69 10.78
C ARG A 144 3.11 12.17 10.14
N THR A 145 3.72 11.36 9.27
CA THR A 145 4.94 11.74 8.58
C THR A 145 4.95 11.07 7.17
N ALA A 146 6.08 11.19 6.43
CA ALA A 146 6.20 10.65 5.10
C ALA A 146 7.58 10.02 4.87
N GLY A 147 7.62 9.08 3.92
CA GLY A 147 8.84 8.46 3.39
C GLY A 147 8.56 8.26 1.91
N LEU A 148 8.54 7.00 1.47
CA LEU A 148 8.04 6.66 0.13
C LEU A 148 6.50 6.92 0.16
N ASN A 149 5.85 6.58 1.28
CA ASN A 149 4.43 6.77 1.46
C ASN A 149 4.09 7.35 2.82
N GLU A 150 2.79 7.65 3.04
CA GLU A 150 2.26 8.17 4.30
C GLU A 150 2.62 7.24 5.43
N LYS A 151 3.08 7.77 6.56
CA LYS A 151 3.51 6.98 7.70
C LYS A 151 2.85 7.51 8.96
N LEU A 152 2.76 6.65 10.00
CA LEU A 152 2.30 7.02 11.32
C LEU A 152 3.35 6.57 12.32
N VAL A 153 3.78 7.47 13.20
CA VAL A 153 4.75 7.18 14.24
C VAL A 153 3.96 7.10 15.53
N PHE A 154 4.11 6.03 16.31
CA PHE A 154 3.42 5.88 17.59
C PHE A 154 4.46 5.75 18.68
N TYR A 155 4.25 6.43 19.81
CA TYR A 155 5.10 6.30 20.99
C TYR A 155 4.25 6.56 22.25
N ASN A 156 4.62 5.92 23.34
CA ASN A 156 3.88 5.96 24.58
C ASN A 156 4.53 6.85 25.65
N ASN A 157 3.72 7.54 26.45
CA ASN A 157 4.19 8.40 27.53
C ASN A 157 3.96 7.80 28.92
N THR A 158 3.04 6.86 29.08
CA THR A 158 2.69 6.28 30.39
C THR A 158 3.67 5.19 30.88
N PRO A 159 4.19 5.26 32.13
CA PRO A 159 5.03 4.14 32.62
C PRO A 159 4.28 2.81 32.64
N LEU A 160 4.97 1.71 32.32
CA LEU A 160 4.36 0.37 32.18
C LEU A 160 4.44 -0.51 33.43
N THR A 161 3.53 -1.49 33.53
CA THR A 161 3.47 -2.46 34.62
C THR A 161 3.33 -3.88 33.98
N LEU A 162 2.11 -4.27 33.51
CA LEU A 162 1.88 -5.56 32.86
C LEU A 162 2.36 -5.56 31.41
N LEU A 163 2.37 -4.40 30.74
CA LEU A 163 2.79 -4.30 29.35
C LEU A 163 4.31 -4.11 29.18
N THR A 164 5.13 -4.43 30.22
CA THR A 164 6.60 -4.32 30.09
C THR A 164 7.18 -5.28 29.00
N PRO A 165 6.59 -6.46 28.67
CA PRO A 165 7.14 -7.26 27.56
C PRO A 165 7.10 -6.55 26.20
N TRP A 166 6.18 -5.58 26.02
CA TRP A 166 6.06 -4.80 24.78
C TRP A 166 6.63 -3.38 24.93
N ARG A 167 7.58 -3.17 25.88
CA ARG A 167 8.19 -1.86 26.13
C ARG A 167 9.11 -1.37 25.00
N LYS A 168 9.66 -2.28 24.20
CA LYS A 168 10.55 -1.91 23.09
C LYS A 168 9.79 -1.05 22.08
N VAL A 169 8.61 -1.51 21.64
CA VAL A 169 7.81 -0.79 20.67
C VAL A 169 7.16 0.45 21.29
N LEU A 170 6.64 0.33 22.52
CA LEU A 170 5.96 1.42 23.22
C LEU A 170 6.89 2.57 23.62
N THR A 171 8.12 2.30 24.10
CA THR A 171 8.98 3.37 24.60
C THR A 171 9.94 3.88 23.49
N THR A 172 10.54 2.99 22.69
CA THR A 172 11.39 3.44 21.58
C THR A 172 10.58 4.19 20.52
N GLY A 173 9.33 3.79 20.30
CA GLY A 173 8.52 4.39 19.26
C GLY A 173 8.70 3.62 17.96
N SER A 174 7.66 3.59 17.13
CA SER A 174 7.71 2.85 15.88
C SER A 174 7.00 3.58 14.75
N VAL A 175 7.43 3.29 13.54
CA VAL A 175 6.88 3.86 12.33
C VAL A 175 6.22 2.76 11.52
N PHE A 176 5.05 3.05 10.93
CA PHE A 176 4.29 2.10 10.13
C PHE A 176 3.82 2.76 8.85
N ASN A 177 3.50 1.94 7.82
CA ASN A 177 2.89 2.41 6.59
C ASN A 177 1.47 2.79 6.99
N ALA A 178 1.09 4.05 6.85
CA ALA A 178 -0.19 4.53 7.33
C ALA A 178 -1.39 3.78 6.79
N ASN A 179 -1.38 3.42 5.49
CA ASN A 179 -2.49 2.67 4.91
C ASN A 179 -2.66 1.26 5.49
N GLN A 180 -1.64 0.73 6.20
CA GLN A 180 -1.71 -0.58 6.83
C GLN A 180 -2.28 -0.47 8.25
N VAL A 181 -2.07 0.67 8.93
CA VAL A 181 -2.53 0.85 10.31
C VAL A 181 -3.55 1.98 10.47
N CYS A 182 -4.19 2.44 9.40
CA CYS A 182 -5.11 3.58 9.49
C CYS A 182 -6.08 3.62 8.35
N ASN A 183 -7.36 3.92 8.63
CA ASN A 183 -8.37 3.98 7.58
C ASN A 183 -8.39 5.31 6.82
N ALA A 184 -7.86 6.42 7.38
CA ALA A 184 -7.89 7.72 6.71
C ALA A 184 -6.78 8.66 7.21
N VAL A 185 -5.54 8.37 6.83
CA VAL A 185 -4.37 9.16 7.24
C VAL A 185 -4.44 10.60 6.76
N ASN A 186 -5.02 10.82 5.57
CA ASN A 186 -5.19 12.18 5.03
C ASN A 186 -6.06 13.08 5.94
N LEU A 187 -6.88 12.49 6.84
CA LEU A 187 -7.72 13.23 7.77
C LEU A 187 -7.03 13.56 9.11
N ILE A 188 -5.83 13.02 9.36
CA ILE A 188 -5.09 13.31 10.57
C ILE A 188 -4.37 14.66 10.37
N PRO A 189 -4.67 15.70 11.19
CA PRO A 189 -3.99 16.99 10.99
C PRO A 189 -2.55 17.01 11.50
N LEU A 190 -1.73 17.92 10.97
CA LEU A 190 -0.33 18.10 11.40
C LEU A 190 -0.22 19.23 12.43
N ASP A 191 -1.15 20.20 12.41
CA ASP A 191 -1.16 21.38 13.27
C ASP A 191 -1.81 21.17 14.64
N THR A 192 -2.24 19.93 14.97
CA THR A 192 -2.93 19.69 16.23
C THR A 192 -2.42 18.37 16.81
N PRO A 193 -1.91 18.34 18.07
CA PRO A 193 -1.45 17.05 18.62
C PRO A 193 -2.50 15.95 18.58
N GLN A 194 -2.06 14.69 18.36
CA GLN A 194 -2.96 13.55 18.26
C GLN A 194 -2.60 12.46 19.24
N ARG A 195 -3.61 11.72 19.68
CA ARG A 195 -3.43 10.56 20.53
C ARG A 195 -4.12 9.35 19.86
N PHE A 196 -3.74 8.15 20.29
CA PHE A 196 -4.33 6.89 19.87
C PHE A 196 -5.06 6.36 21.09
N ARG A 197 -6.37 6.57 21.14
CA ARG A 197 -7.20 6.09 22.23
C ARG A 197 -7.49 4.61 21.97
N VAL A 198 -6.88 3.71 22.75
CA VAL A 198 -7.06 2.27 22.60
C VAL A 198 -8.48 1.88 22.98
N VAL A 199 -9.20 1.21 22.08
CA VAL A 199 -10.57 0.79 22.30
C VAL A 199 -10.71 -0.76 22.24
N TYR A 200 -9.75 -1.49 21.68
CA TYR A 200 -9.89 -2.95 21.54
C TYR A 200 -8.51 -3.60 21.44
N MET A 201 -8.38 -4.81 22.00
CA MET A 201 -7.14 -5.56 22.00
C MET A 201 -7.39 -6.95 21.44
N SER A 202 -6.40 -7.47 20.73
CA SER A 202 -6.43 -8.79 20.14
C SER A 202 -5.08 -9.43 20.48
N ILE A 203 -5.13 -10.60 21.13
CA ILE A 203 -3.95 -11.36 21.54
C ILE A 203 -3.95 -12.66 20.74
N THR A 204 -2.81 -13.05 20.13
CA THR A 204 -2.69 -14.31 19.41
C THR A 204 -1.68 -15.15 20.19
N ARG A 205 -2.08 -16.33 20.67
CA ARG A 205 -1.19 -17.20 21.42
C ARG A 205 -0.21 -17.87 20.45
N LEU A 206 1.09 -17.86 20.79
CA LEU A 206 2.19 -18.43 20.00
C LEU A 206 3.04 -19.39 20.85
N SER A 207 4.04 -20.06 20.24
CA SER A 207 4.90 -20.99 21.01
C SER A 207 6.42 -20.81 20.81
N ASP A 208 6.88 -19.99 19.83
CA ASP A 208 8.32 -19.85 19.56
C ASP A 208 9.00 -18.53 20.03
N ASN A 209 8.23 -17.55 20.54
CA ASN A 209 8.73 -16.20 20.91
C ASN A 209 8.89 -15.36 19.63
N GLY A 210 7.88 -15.46 18.79
CA GLY A 210 7.84 -14.85 17.48
C GLY A 210 7.07 -15.75 16.54
N TYR A 211 7.22 -15.49 15.27
CA TYR A 211 6.59 -16.27 14.23
C TYR A 211 7.48 -16.21 12.99
N TYR A 212 7.30 -17.15 12.08
CA TYR A 212 8.09 -17.18 10.86
C TYR A 212 7.27 -16.65 9.69
N THR A 213 7.82 -15.74 8.89
CA THR A 213 7.18 -15.23 7.67
C THR A 213 8.15 -15.44 6.52
N VAL A 214 7.63 -15.63 5.31
CA VAL A 214 8.48 -15.85 4.15
C VAL A 214 9.10 -14.47 3.76
N PRO A 215 10.44 -14.35 3.51
CA PRO A 215 10.98 -13.02 3.17
C PRO A 215 10.38 -12.44 1.89
N ARG A 216 10.20 -11.11 1.87
CA ARG A 216 9.63 -10.34 0.75
C ARG A 216 10.27 -10.69 -0.59
N ARG A 217 11.62 -10.79 -0.66
CA ARG A 217 12.32 -11.13 -1.90
C ARG A 217 11.92 -12.50 -2.46
N MET A 218 11.66 -13.50 -1.58
CA MET A 218 11.27 -14.83 -2.05
C MET A 218 9.85 -14.80 -2.60
N LEU A 219 8.92 -14.13 -1.92
CA LEU A 219 7.54 -14.05 -2.37
C LEU A 219 7.39 -13.30 -3.68
N GLU A 220 8.15 -12.20 -3.86
CA GLU A 220 8.10 -11.38 -5.06
C GLU A 220 8.87 -11.94 -6.26
N PHE A 221 9.69 -12.99 -6.06
CA PHE A 221 10.49 -13.53 -7.15
C PHE A 221 9.69 -14.25 -8.23
N ARG A 222 9.93 -13.86 -9.51
CA ARG A 222 9.27 -14.47 -10.66
C ARG A 222 10.31 -15.09 -11.56
N SER A 223 10.06 -16.31 -12.02
CA SER A 223 11.00 -17.07 -12.83
C SER A 223 10.37 -17.50 -14.16
N VAL A 224 11.14 -17.48 -15.25
CA VAL A 224 10.69 -17.96 -16.55
C VAL A 224 10.53 -19.51 -16.46
N ASN A 225 9.55 -20.07 -17.19
CA ASN A 225 9.25 -21.50 -17.23
C ASN A 225 9.03 -22.09 -15.84
N ALA A 226 8.30 -21.36 -14.99
CA ALA A 226 7.98 -21.80 -13.64
C ALA A 226 6.47 -21.76 -13.41
N VAL A 227 6.00 -22.55 -12.44
CA VAL A 227 4.60 -22.64 -12.07
C VAL A 227 4.50 -22.20 -10.61
N ALA A 228 3.72 -21.16 -10.35
CA ALA A 228 3.51 -20.64 -9.00
C ALA A 228 2.43 -21.46 -8.31
N PHE A 229 2.74 -22.04 -7.14
CA PHE A 229 1.78 -22.76 -6.32
C PHE A 229 1.12 -21.74 -5.39
N ASN A 230 -0.10 -21.29 -5.73
CA ASN A 230 -0.84 -20.30 -4.95
C ASN A 230 -2.10 -20.91 -4.34
N LEU A 231 -2.68 -20.23 -3.34
CA LEU A 231 -3.92 -20.68 -2.70
C LEU A 231 -4.93 -19.53 -2.71
N LEU A 232 -6.21 -19.82 -2.97
CA LEU A 232 -7.28 -18.84 -2.88
C LEU A 232 -8.03 -19.27 -1.64
N VAL A 233 -7.99 -18.44 -0.59
CA VAL A 233 -8.63 -18.73 0.68
C VAL A 233 -9.90 -17.91 0.78
N THR A 234 -11.04 -18.53 1.13
CA THR A 234 -12.29 -17.83 1.33
C THR A 234 -12.60 -17.80 2.82
N LEU A 235 -12.91 -16.62 3.34
CA LEU A 235 -13.31 -16.43 4.73
C LEU A 235 -14.80 -16.07 4.77
N ARG A 236 -15.47 -16.48 5.83
CA ARG A 236 -16.83 -16.08 6.11
C ARG A 236 -16.67 -15.05 7.23
N ILE A 237 -17.20 -13.85 7.06
CA ILE A 237 -17.04 -12.78 8.03
C ILE A 237 -18.28 -12.74 8.92
N ASP A 238 -18.08 -12.97 10.23
CA ASP A 238 -19.15 -13.00 11.23
C ASP A 238 -19.17 -11.69 12.04
N PRO A 254 -21.63 -12.68 4.75
CA PRO A 254 -20.72 -12.24 3.69
C PRO A 254 -19.38 -12.96 3.71
N GLU A 255 -18.75 -13.02 2.54
CA GLU A 255 -17.47 -13.68 2.35
C GLU A 255 -16.43 -12.74 1.77
N ALA A 256 -15.16 -13.11 1.92
CA ALA A 256 -14.03 -12.38 1.36
C ALA A 256 -12.96 -13.39 0.97
N THR A 257 -12.31 -13.19 -0.17
CA THR A 257 -11.25 -14.08 -0.62
C THR A 257 -9.91 -13.35 -0.65
N PHE A 258 -8.83 -14.12 -0.52
CA PHE A 258 -7.48 -13.58 -0.62
C PHE A 258 -6.56 -14.66 -1.19
N MET A 259 -5.52 -14.24 -1.90
CA MET A 259 -4.57 -15.18 -2.49
C MET A 259 -3.26 -15.17 -1.74
N VAL A 260 -2.68 -16.36 -1.59
CA VAL A 260 -1.41 -16.59 -0.90
C VAL A 260 -0.44 -17.24 -1.88
N HIS A 261 0.83 -16.85 -1.85
CA HIS A 261 1.85 -17.46 -2.70
C HIS A 261 2.69 -18.38 -1.82
N ILE A 262 2.68 -19.69 -2.13
CA ILE A 262 3.45 -20.66 -1.37
C ILE A 262 4.89 -20.75 -1.92
N GLY A 263 5.02 -20.92 -3.23
CA GLY A 263 6.33 -20.99 -3.87
C GLY A 263 6.24 -21.27 -5.36
N ASN A 264 7.39 -21.55 -6.00
CA ASN A 264 7.47 -21.83 -7.44
C ASN A 264 8.11 -23.19 -7.71
N PHE A 265 7.74 -23.84 -8.84
CA PHE A 265 8.35 -25.09 -9.29
C PHE A 265 8.57 -25.09 -10.79
N ARG A 266 9.54 -25.87 -11.29
CA ARG A 266 9.87 -25.90 -12.71
C ARG A 266 8.74 -26.51 -13.51
N ARG A 267 8.43 -25.92 -14.67
CA ARG A 267 7.39 -26.43 -15.55
C ARG A 267 8.04 -27.49 -16.43
N ALA A 275 -2.83 -31.58 -14.23
CA ALA A 275 -2.85 -33.05 -14.11
C ALA A 275 -3.22 -33.50 -12.67
N ASP A 276 -3.75 -34.73 -12.55
CA ASP A 276 -4.16 -35.32 -11.26
C ASP A 276 -2.98 -35.63 -10.31
N TYR A 277 -1.76 -35.68 -10.85
CA TYR A 277 -0.55 -35.93 -10.07
C TYR A 277 -0.25 -34.76 -9.15
N CYS A 278 -0.56 -33.51 -9.56
CA CYS A 278 -0.34 -32.33 -8.70
C CYS A 278 -1.25 -32.38 -7.48
N LYS A 279 -2.50 -32.83 -7.66
CA LYS A 279 -3.46 -32.99 -6.56
C LYS A 279 -2.90 -33.94 -5.48
N MET A 280 -2.23 -35.03 -5.89
CA MET A 280 -1.63 -35.99 -4.97
C MET A 280 -0.37 -35.46 -4.31
N LYS A 281 0.46 -34.69 -5.05
CA LYS A 281 1.67 -34.09 -4.46
C LYS A 281 1.30 -33.09 -3.36
N ILE A 282 0.25 -32.25 -3.55
CA ILE A 282 -0.20 -31.30 -2.54
C ILE A 282 -0.73 -32.07 -1.31
N GLU A 283 -1.46 -33.19 -1.52
CA GLU A 283 -1.96 -34.01 -0.42
C GLU A 283 -0.79 -34.55 0.42
N LYS A 284 0.30 -34.94 -0.23
CA LYS A 284 1.49 -35.46 0.44
C LYS A 284 2.19 -34.42 1.33
N MET A 285 1.96 -33.11 1.10
CA MET A 285 2.54 -32.04 1.95
C MET A 285 1.90 -32.01 3.35
N GLY A 286 0.65 -32.47 3.48
CA GLY A 286 -0.07 -32.49 4.73
C GLY A 286 -0.26 -31.12 5.33
N LEU A 287 -0.73 -30.16 4.51
CA LEU A 287 -0.92 -28.78 4.94
C LEU A 287 -2.08 -28.63 5.91
N VAL A 288 -1.84 -27.86 6.97
CA VAL A 288 -2.82 -27.57 8.01
C VAL A 288 -2.89 -26.04 8.12
N PHE A 289 -4.10 -25.51 8.23
CA PHE A 289 -4.35 -24.08 8.25
C PHE A 289 -5.10 -23.62 9.49
N ALA A 290 -4.86 -22.39 9.90
CA ALA A 290 -5.54 -21.77 11.03
C ALA A 290 -5.47 -20.25 10.89
N LEU A 291 -6.42 -19.53 11.49
CA LEU A 291 -6.42 -18.07 11.49
C LEU A 291 -5.80 -17.57 12.78
N GLY A 292 -5.15 -16.43 12.69
CA GLY A 292 -4.58 -15.73 13.83
C GLY A 292 -4.92 -14.25 13.72
N GLY A 293 -4.28 -13.44 14.55
CA GLY A 293 -4.50 -12.00 14.57
C GLY A 293 -3.24 -11.20 14.33
N ILE A 294 -2.25 -11.78 13.62
CA ILE A 294 -0.99 -11.06 13.36
C ILE A 294 -1.29 -9.92 12.37
N GLY A 295 -1.25 -8.69 12.86
CA GLY A 295 -1.57 -7.51 12.07
C GLY A 295 -3.05 -7.25 11.85
N GLY A 296 -3.91 -8.01 12.50
CA GLY A 296 -5.36 -7.91 12.37
C GLY A 296 -5.92 -9.29 12.11
N THR A 297 -5.74 -9.78 10.88
CA THR A 297 -6.14 -11.13 10.44
C THR A 297 -4.92 -11.75 9.78
N SER A 298 -4.61 -13.01 10.08
CA SER A 298 -3.47 -13.69 9.49
C SER A 298 -3.75 -15.18 9.25
N LEU A 299 -3.10 -15.75 8.24
CA LEU A 299 -3.24 -17.17 7.92
C LEU A 299 -1.96 -17.88 8.38
N HIS A 300 -2.11 -18.99 9.07
CA HIS A 300 -0.98 -19.77 9.57
C HIS A 300 -1.03 -21.13 8.88
N ILE A 301 0.07 -21.53 8.22
CA ILE A 301 0.15 -22.80 7.48
C ILE A 301 1.29 -23.64 8.07
N ARG A 302 1.06 -24.94 8.24
CA ARG A 302 2.08 -25.87 8.73
C ARG A 302 1.99 -27.12 7.86
N SER A 303 3.13 -27.59 7.31
CA SER A 303 3.15 -28.81 6.51
C SER A 303 3.54 -29.98 7.41
N THR A 304 2.57 -30.80 7.80
CA THR A 304 2.80 -31.97 8.66
C THR A 304 3.42 -33.16 7.88
N GLY A 305 3.10 -33.27 6.60
CA GLY A 305 3.60 -34.35 5.74
C GLY A 305 4.99 -34.09 5.16
N LYS A 306 5.27 -34.68 3.99
CA LYS A 306 6.56 -34.57 3.29
C LYS A 306 6.55 -33.46 2.21
N MET A 307 7.70 -32.78 2.00
CA MET A 307 7.84 -31.75 0.94
C MET A 307 9.05 -32.07 0.07
N SER A 308 8.96 -31.80 -1.26
CA SER A 308 10.07 -32.07 -2.18
C SER A 308 10.97 -30.85 -2.38
N LYS A 309 11.88 -30.61 -1.41
CA LYS A 309 12.88 -29.53 -1.42
C LYS A 309 12.31 -28.18 -1.89
N THR A 310 11.34 -27.64 -1.14
CA THR A 310 10.72 -26.36 -1.48
C THR A 310 11.72 -25.22 -1.26
N LEU A 311 12.38 -25.19 -0.07
CA LEU A 311 13.36 -24.16 0.30
C LEU A 311 12.74 -22.80 0.64
N HIS A 312 11.57 -22.45 0.04
CA HIS A 312 10.88 -21.20 0.34
C HIS A 312 10.15 -21.42 1.67
N ALA A 313 9.36 -22.50 1.77
CA ALA A 313 8.62 -22.86 2.97
C ALA A 313 9.53 -23.59 3.95
N LYS A 319 8.78 -24.52 11.32
CA LYS A 319 8.00 -25.26 10.32
C LYS A 319 6.64 -24.60 9.97
N THR A 320 6.16 -23.62 10.78
CA THR A 320 4.87 -22.93 10.54
C THR A 320 5.07 -21.51 9.99
N LEU A 321 4.42 -21.21 8.86
CA LEU A 321 4.51 -19.92 8.21
C LEU A 321 3.30 -19.06 8.53
N CYS A 322 3.54 -17.77 8.77
CA CYS A 322 2.52 -16.78 9.02
C CYS A 322 2.40 -15.89 7.78
N TYR A 323 1.17 -15.65 7.34
CA TYR A 323 0.88 -14.83 6.19
C TYR A 323 -0.10 -13.75 6.66
N PRO A 324 0.38 -12.60 7.15
CA PRO A 324 -0.55 -11.55 7.60
C PRO A 324 -1.31 -10.91 6.44
N LEU A 325 -2.62 -10.76 6.58
CA LEU A 325 -3.45 -10.11 5.57
C LEU A 325 -3.04 -8.62 5.38
N MET A 326 -2.34 -8.03 6.36
CA MET A 326 -1.78 -6.67 6.33
C MET A 326 -0.84 -6.51 5.12
N ASP A 327 -0.11 -7.59 4.75
CA ASP A 327 0.80 -7.59 3.62
C ASP A 327 0.10 -7.99 2.33
N ILE A 328 -0.84 -8.94 2.38
CA ILE A 328 -1.53 -9.44 1.20
C ILE A 328 -2.51 -8.43 0.60
N ASN A 329 -3.38 -7.90 1.44
CA ASN A 329 -4.37 -6.92 1.00
C ASN A 329 -4.68 -6.04 2.19
N GLU A 330 -3.89 -4.97 2.38
CA GLU A 330 -4.02 -4.07 3.52
C GLU A 330 -5.43 -3.49 3.67
N ASP A 331 -6.13 -3.21 2.55
CA ASP A 331 -7.47 -2.66 2.58
C ASP A 331 -8.48 -3.64 3.17
N LEU A 332 -8.44 -4.91 2.72
CA LEU A 332 -9.32 -5.95 3.24
C LEU A 332 -8.99 -6.22 4.71
N ASN A 333 -7.69 -6.21 5.07
CA ASN A 333 -7.27 -6.39 6.45
C ASN A 333 -7.89 -5.32 7.37
N ARG A 334 -7.94 -4.05 6.93
CA ARG A 334 -8.58 -2.98 7.70
C ARG A 334 -10.07 -3.21 7.83
N LEU A 335 -10.71 -3.71 6.78
CA LEU A 335 -12.14 -4.00 6.77
C LEU A 335 -12.48 -5.09 7.79
N LEU A 336 -11.59 -6.10 7.95
CA LEU A 336 -11.79 -7.20 8.91
C LEU A 336 -11.20 -6.92 10.29
N TRP A 337 -10.78 -5.68 10.60
CA TRP A 337 -10.13 -5.38 11.87
C TRP A 337 -10.86 -5.84 13.14
N ARG A 338 -12.17 -5.64 13.22
CA ARG A 338 -12.91 -5.98 14.45
C ARG A 338 -14.04 -6.97 14.17
N SER A 339 -13.73 -8.04 13.44
CA SER A 339 -14.72 -9.04 13.07
C SER A 339 -14.21 -10.47 13.29
N ARG A 340 -15.13 -11.42 13.52
CA ARG A 340 -14.76 -12.82 13.71
C ARG A 340 -14.73 -13.48 12.34
N CYS A 341 -13.63 -14.15 11.97
CA CYS A 341 -13.51 -14.80 10.65
C CYS A 341 -13.38 -16.30 10.77
N LYS A 342 -13.67 -17.00 9.68
CA LYS A 342 -13.57 -18.45 9.62
C LYS A 342 -13.20 -18.86 8.20
N ILE A 343 -12.24 -19.78 8.03
CA ILE A 343 -11.88 -20.26 6.70
C ILE A 343 -12.97 -21.24 6.31
N VAL A 344 -13.65 -20.99 5.17
CA VAL A 344 -14.70 -21.87 4.68
C VAL A 344 -14.31 -22.58 3.37
N ARG A 345 -13.17 -22.24 2.75
CA ARG A 345 -12.75 -22.89 1.52
C ARG A 345 -11.31 -22.54 1.19
N ILE A 346 -10.55 -23.52 0.69
CA ILE A 346 -9.17 -23.30 0.25
C ILE A 346 -9.06 -24.02 -1.07
N GLN A 347 -8.66 -23.29 -2.11
CA GLN A 347 -8.49 -23.85 -3.43
C GLN A 347 -7.05 -23.62 -3.85
N ALA A 348 -6.45 -24.60 -4.51
CA ALA A 348 -5.09 -24.46 -5.01
C ALA A 348 -5.21 -23.84 -6.40
N VAL A 349 -4.39 -22.83 -6.70
CA VAL A 349 -4.44 -22.16 -8.00
C VAL A 349 -3.00 -22.18 -8.52
N LEU A 350 -2.75 -23.03 -9.53
CA LEU A 350 -1.43 -23.11 -10.12
C LEU A 350 -1.46 -22.13 -11.29
N GLN A 351 -0.50 -21.21 -11.33
CA GLN A 351 -0.48 -20.17 -12.35
C GLN A 351 0.93 -19.99 -12.91
N PRO A 352 1.09 -19.30 -14.06
CA PRO A 352 2.46 -18.99 -14.53
C PRO A 352 3.09 -17.96 -13.57
N SER A 353 4.42 -17.81 -13.63
CA SER A 353 5.12 -16.90 -12.73
C SER A 353 5.36 -15.53 -13.38
N VAL A 354 6.06 -15.49 -14.51
CA VAL A 354 6.42 -14.24 -15.17
C VAL A 354 5.19 -13.73 -16.04
N PRO A 355 4.87 -12.40 -16.05
CA PRO A 355 3.65 -11.94 -16.77
C PRO A 355 3.51 -12.34 -18.24
N GLN A 356 4.62 -12.40 -19.00
CA GLN A 356 4.55 -12.78 -20.42
C GLN A 356 4.06 -14.21 -20.67
N GLU A 357 4.02 -15.06 -19.63
CA GLU A 357 3.55 -16.43 -19.74
C GLU A 357 2.06 -16.60 -19.37
N PHE A 358 1.38 -15.54 -18.87
CA PHE A 358 -0.06 -15.58 -18.58
C PHE A 358 -0.86 -15.71 -19.89
N ARG A 359 -0.33 -15.18 -21.00
CA ARG A 359 -0.91 -15.28 -22.34
C ARG A 359 -0.87 -16.74 -22.84
N ILE A 360 0.20 -17.48 -22.49
CA ILE A 360 0.44 -18.85 -22.95
C ILE A 360 -0.23 -19.91 -22.08
N TYR A 361 -0.10 -19.80 -20.76
CA TYR A 361 -0.58 -20.81 -19.82
C TYR A 361 -1.75 -20.32 -19.01
N ASP A 362 -2.76 -21.18 -18.87
CA ASP A 362 -3.95 -20.87 -18.11
C ASP A 362 -3.80 -21.29 -16.64
N ASP A 363 -4.70 -20.82 -15.78
CA ASP A 363 -4.70 -21.20 -14.37
C ASP A 363 -5.33 -22.59 -14.25
N VAL A 364 -4.88 -23.35 -13.26
CA VAL A 364 -5.43 -24.66 -12.95
C VAL A 364 -5.90 -24.57 -11.49
N ILE A 365 -7.21 -24.64 -11.28
CA ILE A 365 -7.79 -24.57 -9.94
C ILE A 365 -8.07 -25.99 -9.46
N ILE A 366 -7.57 -26.33 -8.26
CA ILE A 366 -7.75 -27.62 -7.61
C ILE A 366 -8.63 -27.42 -6.37
N ASN A 367 -9.76 -28.14 -6.30
CA ASN A 367 -10.69 -28.08 -5.17
C ASN A 367 -10.39 -29.24 -4.23
N ASP A 368 -10.41 -28.99 -2.91
CA ASP A 368 -10.08 -30.03 -1.94
C ASP A 368 -11.15 -31.12 -1.85
N ASP A 369 -10.87 -32.27 -2.48
CA ASP A 369 -11.73 -33.46 -2.44
C ASP A 369 -10.94 -34.73 -2.02
N GLN A 370 -9.65 -34.59 -1.64
CA GLN A 370 -8.82 -35.74 -1.21
C GLN A 370 -8.04 -35.41 0.07
N GLY A 371 -8.60 -34.60 0.95
CA GLY A 371 -7.93 -34.25 2.20
C GLY A 371 -6.62 -33.52 1.98
N LEU A 372 -6.61 -32.62 0.99
CA LEU A 372 -5.45 -31.80 0.66
C LEU A 372 -5.14 -30.83 1.80
N PHE A 373 -6.16 -30.12 2.30
CA PHE A 373 -6.01 -29.07 3.31
C PHE A 373 -6.86 -29.36 4.55
N LYS A 374 -6.29 -29.18 5.74
CA LYS A 374 -7.01 -29.37 7.00
C LYS A 374 -7.16 -28.00 7.66
N VAL A 375 -8.38 -27.63 8.07
CA VAL A 375 -8.65 -26.34 8.71
C VAL A 375 -8.97 -26.58 10.19
N LEU A 376 -8.23 -25.93 11.10
CA LEU A 376 -8.44 -26.07 12.53
C LEU A 376 -9.31 -24.92 13.04
N VAL B 73 -19.98 6.51 -21.05
CA VAL B 73 -19.42 6.91 -22.34
C VAL B 73 -17.91 7.16 -22.18
N PRO B 74 -17.01 6.63 -23.05
CA PRO B 74 -15.57 6.89 -22.84
C PRO B 74 -15.18 8.34 -23.05
N GLN B 75 -14.25 8.85 -22.23
CA GLN B 75 -13.76 10.23 -22.31
C GLN B 75 -12.22 10.24 -22.20
N VAL B 76 -11.58 11.29 -22.70
CA VAL B 76 -10.13 11.46 -22.65
C VAL B 76 -9.80 12.84 -22.09
N ARG B 77 -8.75 12.91 -21.28
CA ARG B 77 -8.29 14.15 -20.67
C ARG B 77 -6.80 14.28 -20.93
N VAL B 78 -6.34 15.48 -21.32
CA VAL B 78 -4.93 15.78 -21.52
C VAL B 78 -4.54 16.75 -20.42
N ILE B 79 -3.46 16.44 -19.72
CA ILE B 79 -2.95 17.23 -18.62
C ILE B 79 -1.55 17.68 -19.00
N ASP B 80 -1.25 18.96 -18.83
CA ASP B 80 0.09 19.47 -19.12
C ASP B 80 0.63 20.15 -17.86
N PRO B 81 1.52 19.50 -17.07
CA PRO B 81 2.08 20.18 -15.88
C PRO B 81 2.76 21.51 -16.24
N GLY B 82 3.53 21.52 -17.33
CA GLY B 82 4.17 22.72 -17.85
C GLY B 82 5.36 23.21 -17.07
N LEU B 83 6.24 22.30 -16.60
CA LEU B 83 7.46 22.68 -15.87
C LEU B 83 8.69 22.60 -16.79
N LYS B 87 9.08 20.83 -24.34
CA LYS B 87 9.81 20.19 -25.44
C LYS B 87 8.85 19.82 -26.58
N ASP B 88 9.36 19.90 -27.82
CA ASP B 88 8.59 19.58 -29.03
C ASP B 88 8.74 18.09 -29.42
N GLU B 89 9.16 17.20 -28.49
CA GLU B 89 9.35 15.79 -28.83
C GLU B 89 8.09 14.92 -28.66
N CYS B 90 6.98 15.49 -28.18
CA CYS B 90 5.69 14.80 -28.08
C CYS B 90 5.71 13.56 -27.17
N PHE B 91 6.52 13.59 -26.09
CA PHE B 91 6.53 12.47 -25.15
C PHE B 91 5.30 12.61 -24.25
N MET B 92 4.62 11.50 -23.95
CA MET B 92 3.44 11.54 -23.10
C MET B 92 3.23 10.23 -22.35
N TYR B 93 2.71 10.33 -21.13
CA TYR B 93 2.38 9.18 -20.32
C TYR B 93 0.92 8.84 -20.57
N MET B 94 0.60 7.56 -20.76
CA MET B 94 -0.78 7.15 -20.96
C MET B 94 -1.25 6.33 -19.79
N PHE B 95 -2.47 6.61 -19.34
CA PHE B 95 -3.07 5.97 -18.19
C PHE B 95 -4.54 5.69 -18.53
N LEU B 96 -4.97 4.42 -18.38
CA LEU B 96 -6.34 4.02 -18.69
C LEU B 96 -7.11 3.66 -17.42
N LEU B 97 -8.40 3.90 -17.45
CA LEU B 97 -9.32 3.52 -16.38
C LEU B 97 -10.37 2.66 -17.06
N GLY B 98 -10.87 1.66 -16.36
CA GLY B 98 -11.86 0.77 -16.93
C GLY B 98 -12.46 -0.18 -15.95
N VAL B 99 -13.33 -1.05 -16.45
CA VAL B 99 -14.05 -2.02 -15.65
C VAL B 99 -13.48 -3.41 -15.84
N VAL B 100 -13.15 -4.11 -14.74
CA VAL B 100 -12.73 -5.50 -14.79
C VAL B 100 -14.05 -6.27 -14.80
N GLU B 101 -14.32 -7.03 -15.86
CA GLU B 101 -15.60 -7.73 -15.99
C GLU B 101 -15.47 -9.10 -16.64
N ASP B 102 -16.48 -9.95 -16.45
CA ASP B 102 -16.51 -11.30 -17.02
C ASP B 102 -16.48 -11.23 -18.53
N SER B 103 -15.63 -12.03 -19.19
CA SER B 103 -15.50 -12.02 -20.64
C SER B 103 -15.98 -13.30 -21.32
N ASP B 104 -16.54 -14.27 -20.57
CA ASP B 104 -17.04 -15.51 -21.16
C ASP B 104 -18.31 -15.14 -21.92
N PRO B 105 -18.40 -15.38 -23.24
CA PRO B 105 -19.64 -15.02 -23.97
C PRO B 105 -20.87 -15.84 -23.61
N LEU B 106 -20.72 -16.93 -22.81
CA LEU B 106 -21.87 -17.74 -22.36
C LEU B 106 -22.60 -17.11 -21.14
N GLY B 107 -21.98 -16.12 -20.49
CA GLY B 107 -22.55 -15.41 -19.35
C GLY B 107 -22.51 -13.92 -19.53
N PRO B 108 -23.19 -13.16 -18.66
CA PRO B 108 -23.21 -11.69 -18.82
C PRO B 108 -21.88 -11.04 -18.49
N PRO B 109 -21.64 -9.82 -19.02
CA PRO B 109 -20.39 -9.12 -18.68
C PRO B 109 -20.55 -8.42 -17.32
N ILE B 110 -20.57 -9.21 -16.24
CA ILE B 110 -20.75 -8.67 -14.90
C ILE B 110 -19.51 -7.91 -14.47
N GLY B 111 -19.71 -6.68 -14.02
CA GLY B 111 -18.64 -5.85 -13.51
C GLY B 111 -18.23 -6.32 -12.12
N ARG B 112 -16.94 -6.60 -11.95
CA ARG B 112 -16.38 -7.12 -10.70
C ARG B 112 -15.66 -6.04 -9.91
N ALA B 113 -14.90 -5.19 -10.61
CA ALA B 113 -14.13 -4.15 -9.97
C ALA B 113 -13.80 -3.04 -10.96
N PHE B 114 -13.50 -1.86 -10.48
CA PHE B 114 -13.04 -0.75 -11.30
C PHE B 114 -11.52 -0.73 -11.13
N GLY B 115 -10.79 -0.48 -12.20
CA GLY B 115 -9.34 -0.48 -12.14
C GLY B 115 -8.66 0.45 -13.11
N SER B 116 -7.34 0.39 -13.09
CA SER B 116 -6.50 1.22 -13.92
C SER B 116 -5.37 0.43 -14.55
N LEU B 117 -4.84 0.96 -15.65
CA LEU B 117 -3.77 0.32 -16.36
C LEU B 117 -2.75 1.38 -16.76
N PRO B 118 -1.72 1.66 -15.92
CA PRO B 118 -0.68 2.61 -16.34
C PRO B 118 0.13 2.04 -17.50
N LEU B 119 0.17 2.72 -18.66
CA LEU B 119 0.91 2.20 -19.82
C LEU B 119 2.32 2.77 -19.98
N GLY B 120 2.66 3.84 -19.27
CA GLY B 120 3.99 4.43 -19.36
C GLY B 120 4.12 5.49 -20.44
N VAL B 121 5.37 5.88 -20.72
CA VAL B 121 5.71 6.96 -21.64
C VAL B 121 5.87 6.46 -23.09
N GLY B 122 5.54 7.32 -24.04
CA GLY B 122 5.65 7.02 -25.46
C GLY B 122 5.45 8.26 -26.31
N ARG B 123 6.10 8.32 -27.48
CA ARG B 123 5.98 9.46 -28.38
C ARG B 123 4.79 9.27 -29.28
N SER B 124 3.96 10.31 -29.46
CA SER B 124 2.82 10.22 -30.36
C SER B 124 2.33 11.60 -30.75
N THR B 125 1.98 11.77 -32.04
CA THR B 125 1.39 12.99 -32.56
C THR B 125 -0.11 12.75 -32.93
N ALA B 126 -0.74 11.66 -32.44
CA ALA B 126 -2.13 11.35 -32.74
C ALA B 126 -3.07 12.20 -31.90
N LYS B 127 -4.29 12.43 -32.40
CA LYS B 127 -5.27 13.20 -31.65
C LYS B 127 -5.72 12.40 -30.41
N PRO B 128 -5.87 13.01 -29.22
CA PRO B 128 -6.32 12.24 -28.04
C PRO B 128 -7.59 11.40 -28.25
N GLU B 129 -8.55 11.93 -29.02
CA GLU B 129 -9.81 11.24 -29.31
C GLU B 129 -9.58 9.98 -30.17
N GLU B 130 -8.55 10.01 -31.04
CA GLU B 130 -8.17 8.86 -31.87
C GLU B 130 -7.49 7.79 -31.00
N LEU B 131 -6.59 8.20 -30.09
CA LEU B 131 -5.93 7.26 -29.18
C LEU B 131 -6.97 6.60 -28.27
N LEU B 132 -7.95 7.39 -27.78
CA LEU B 132 -9.03 6.86 -26.95
C LEU B 132 -9.85 5.84 -27.72
N LYS B 133 -10.25 6.15 -28.97
CA LYS B 133 -11.08 5.24 -29.76
C LYS B 133 -10.39 3.90 -29.94
N GLU B 134 -9.07 3.90 -30.20
CA GLU B 134 -8.34 2.64 -30.35
C GLU B 134 -8.26 1.90 -29.00
N ALA B 135 -7.98 2.59 -27.90
CA ALA B 135 -7.90 1.97 -26.58
C ALA B 135 -9.19 1.25 -26.19
N THR B 136 -10.36 1.85 -26.50
CA THR B 136 -11.66 1.25 -26.19
C THR B 136 -11.94 -0.02 -27.02
N GLU B 137 -11.28 -0.17 -28.18
CA GLU B 137 -11.43 -1.34 -29.04
C GLU B 137 -10.46 -2.49 -28.66
N LEU B 138 -9.52 -2.28 -27.72
CA LEU B 138 -8.58 -3.32 -27.34
C LEU B 138 -9.23 -4.42 -26.51
N ASP B 139 -8.79 -5.67 -26.73
CA ASP B 139 -9.23 -6.83 -25.96
C ASP B 139 -8.12 -7.08 -24.92
N ILE B 140 -8.29 -6.51 -23.71
CA ILE B 140 -7.31 -6.63 -22.64
C ILE B 140 -7.77 -7.67 -21.61
N VAL B 141 -6.90 -8.63 -21.30
CA VAL B 141 -7.16 -9.70 -20.34
C VAL B 141 -6.57 -9.33 -18.98
N VAL B 142 -7.33 -9.60 -17.92
CA VAL B 142 -6.90 -9.37 -16.54
C VAL B 142 -6.82 -10.73 -15.88
N ARG B 143 -5.70 -11.00 -15.23
CA ARG B 143 -5.51 -12.25 -14.50
C ARG B 143 -5.06 -11.90 -13.07
N ARG B 144 -5.88 -12.23 -12.08
CA ARG B 144 -5.54 -12.02 -10.67
C ARG B 144 -4.51 -13.07 -10.26
N THR B 145 -3.50 -12.68 -9.50
CA THR B 145 -2.46 -13.61 -9.02
C THR B 145 -1.88 -13.09 -7.68
N ALA B 146 -0.81 -13.70 -7.16
CA ALA B 146 -0.23 -13.32 -5.89
C ALA B 146 1.29 -13.38 -5.91
N GLY B 147 1.92 -12.59 -5.03
CA GLY B 147 3.36 -12.58 -4.76
C GLY B 147 3.47 -12.33 -3.28
N LEU B 148 4.08 -11.20 -2.89
CA LEU B 148 4.01 -10.74 -1.51
C LEU B 148 2.54 -10.31 -1.25
N ASN B 149 1.92 -9.66 -2.25
CA ASN B 149 0.55 -9.20 -2.17
C ASN B 149 -0.24 -9.52 -3.43
N GLU B 150 -1.56 -9.21 -3.41
CA GLU B 150 -2.47 -9.39 -4.53
C GLU B 150 -1.94 -8.65 -5.74
N LYS B 151 -1.94 -9.32 -6.90
CA LYS B 151 -1.43 -8.76 -8.15
C LYS B 151 -2.47 -8.87 -9.25
N LEU B 152 -2.37 -8.00 -10.26
CA LEU B 152 -3.18 -8.06 -11.47
C LEU B 152 -2.22 -8.08 -12.65
N VAL B 153 -2.37 -9.04 -13.55
CA VAL B 153 -1.57 -9.14 -14.75
C VAL B 153 -2.47 -8.69 -15.90
N PHE B 154 -1.99 -7.76 -16.73
CA PHE B 154 -2.75 -7.27 -17.88
C PHE B 154 -1.97 -7.56 -19.14
N TYR B 155 -2.64 -8.04 -20.18
CA TYR B 155 -2.02 -8.24 -21.49
C TYR B 155 -3.09 -8.06 -22.56
N ASN B 156 -2.68 -7.60 -23.74
CA ASN B 156 -3.56 -7.26 -24.84
C ASN B 156 -3.53 -8.29 -25.96
N ASN B 157 -4.69 -8.54 -26.58
CA ASN B 157 -4.82 -9.48 -27.70
C ASN B 157 -4.99 -8.78 -29.07
N THR B 158 -5.43 -7.52 -29.10
CA THR B 158 -5.71 -6.79 -30.34
C THR B 158 -4.45 -6.20 -31.02
N PRO B 159 -4.20 -6.44 -32.34
CA PRO B 159 -3.05 -5.77 -33.00
C PRO B 159 -3.15 -4.25 -32.92
N LEU B 160 -2.01 -3.57 -32.76
CA LEU B 160 -1.95 -2.11 -32.56
C LEU B 160 -1.69 -1.30 -33.84
N THR B 161 -2.11 -0.01 -33.81
CA THR B 161 -1.92 0.93 -34.91
C THR B 161 -1.35 2.24 -34.30
N LEU B 162 -2.17 3.10 -33.66
CA LEU B 162 -1.73 4.34 -33.03
C LEU B 162 -1.08 4.08 -31.67
N LEU B 163 -1.45 3.00 -30.98
CA LEU B 163 -0.89 2.68 -29.67
C LEU B 163 0.39 1.84 -29.74
N THR B 164 1.09 1.87 -30.87
CA THR B 164 2.35 1.15 -31.03
C THR B 164 3.45 1.66 -30.06
N PRO B 165 3.52 2.97 -29.71
CA PRO B 165 4.54 3.41 -28.72
C PRO B 165 4.42 2.73 -27.35
N TRP B 166 3.21 2.25 -26.99
CA TRP B 166 2.98 1.54 -25.73
C TRP B 166 2.85 0.02 -25.92
N ARG B 167 3.44 -0.53 -27.00
CA ARG B 167 3.39 -1.96 -27.32
C ARG B 167 4.17 -2.84 -26.34
N LYS B 168 5.20 -2.29 -25.67
CA LYS B 168 6.00 -3.06 -24.72
C LYS B 168 5.11 -3.54 -23.57
N VAL B 169 4.35 -2.66 -22.96
CA VAL B 169 3.48 -3.01 -21.84
C VAL B 169 2.27 -3.82 -22.32
N LEU B 170 1.65 -3.42 -23.44
CA LEU B 170 0.47 -4.10 -23.97
C LEU B 170 0.73 -5.52 -24.50
N THR B 171 1.83 -5.73 -25.23
CA THR B 171 2.13 -7.03 -25.83
C THR B 171 2.83 -7.95 -24.83
N THR B 172 3.93 -7.49 -24.20
CA THR B 172 4.68 -8.32 -23.24
C THR B 172 3.81 -8.70 -22.04
N GLY B 173 2.93 -7.82 -21.62
CA GLY B 173 2.13 -8.05 -20.43
C GLY B 173 2.83 -7.49 -19.21
N SER B 174 2.06 -7.05 -18.23
CA SER B 174 2.63 -6.47 -17.02
C SER B 174 1.89 -6.86 -15.78
N VAL B 175 2.60 -6.83 -14.66
CA VAL B 175 2.07 -7.16 -13.35
C VAL B 175 2.11 -5.90 -12.49
N PHE B 176 1.04 -5.69 -11.70
CA PHE B 176 0.91 -4.54 -10.82
C PHE B 176 0.45 -4.98 -9.45
N ASN B 177 0.68 -4.14 -8.41
CA ASN B 177 0.15 -4.35 -7.08
C ASN B 177 -1.33 -4.05 -7.22
N ALA B 178 -2.19 -5.05 -6.97
CA ALA B 178 -3.61 -4.91 -7.21
C ALA B 178 -4.26 -3.74 -6.49
N ASN B 179 -3.88 -3.48 -5.24
CA ASN B 179 -4.45 -2.34 -4.50
C ASN B 179 -4.09 -0.97 -5.10
N GLN B 180 -3.08 -0.90 -5.99
CA GLN B 180 -2.70 0.34 -6.66
C GLN B 180 -3.49 0.54 -7.93
N VAL B 181 -3.91 -0.54 -8.62
CA VAL B 181 -4.62 -0.45 -9.88
C VAL B 181 -6.04 -1.03 -9.83
N CYS B 182 -6.63 -1.21 -8.64
CA CYS B 182 -7.94 -1.85 -8.53
C CYS B 182 -8.63 -1.50 -7.24
N ASN B 183 -9.93 -1.22 -7.28
CA ASN B 183 -10.68 -0.87 -6.07
C ASN B 183 -11.13 -2.10 -5.25
N ALA B 184 -11.22 -3.30 -5.86
CA ALA B 184 -11.70 -4.49 -5.14
C ALA B 184 -11.20 -5.80 -5.78
N VAL B 185 -9.91 -6.09 -5.63
CA VAL B 185 -9.28 -7.29 -6.21
C VAL B 185 -9.89 -8.57 -5.67
N ASN B 186 -10.29 -8.57 -4.39
CA ASN B 186 -10.93 -9.73 -3.79
C ASN B 186 -12.23 -10.14 -4.49
N LEU B 187 -12.86 -9.21 -5.25
CA LEU B 187 -14.10 -9.48 -6.00
C LEU B 187 -13.87 -10.01 -7.41
N ILE B 188 -12.61 -10.05 -7.89
CA ILE B 188 -12.30 -10.57 -9.20
C ILE B 188 -12.23 -12.11 -9.08
N PRO B 189 -13.08 -12.87 -9.80
CA PRO B 189 -13.02 -14.34 -9.67
C PRO B 189 -11.86 -14.97 -10.42
N LEU B 190 -11.44 -16.16 -10.01
CA LEU B 190 -10.35 -16.92 -10.66
C LEU B 190 -10.93 -17.96 -11.65
N ASP B 191 -12.17 -18.42 -11.42
CA ASP B 191 -12.87 -19.42 -12.22
C ASP B 191 -13.58 -18.89 -13.48
N THR B 192 -13.42 -17.60 -13.84
CA THR B 192 -14.06 -17.02 -15.04
C THR B 192 -13.05 -16.12 -15.71
N PRO B 193 -12.98 -16.11 -17.07
CA PRO B 193 -12.07 -15.17 -17.74
C PRO B 193 -12.48 -13.71 -17.46
N GLN B 194 -11.47 -12.83 -17.32
CA GLN B 194 -11.69 -11.42 -17.02
C GLN B 194 -11.13 -10.53 -18.12
N ARG B 195 -11.79 -9.39 -18.32
CA ARG B 195 -11.42 -8.40 -19.32
C ARG B 195 -11.37 -7.02 -18.67
N PHE B 196 -10.54 -6.13 -19.23
CA PHE B 196 -10.45 -4.75 -18.76
C PHE B 196 -11.08 -3.90 -19.85
N ARG B 197 -12.34 -3.53 -19.66
CA ARG B 197 -13.06 -2.70 -20.61
C ARG B 197 -12.63 -1.26 -20.37
N VAL B 198 -11.83 -0.67 -21.30
CA VAL B 198 -11.34 0.70 -21.14
C VAL B 198 -12.52 1.68 -21.29
N VAL B 199 -12.76 2.54 -20.28
CA VAL B 199 -13.82 3.55 -20.27
C VAL B 199 -13.28 5.00 -20.18
N TYR B 200 -11.97 5.21 -19.94
CA TYR B 200 -11.44 6.56 -19.83
C TYR B 200 -9.94 6.57 -19.99
N MET B 201 -9.40 7.63 -20.61
CA MET B 201 -7.97 7.78 -20.85
C MET B 201 -7.50 9.12 -20.32
N SER B 202 -6.28 9.14 -19.80
CA SER B 202 -5.66 10.32 -19.27
C SER B 202 -4.24 10.35 -19.84
N ILE B 203 -3.90 11.45 -20.53
CA ILE B 203 -2.59 11.65 -21.16
C ILE B 203 -1.90 12.79 -20.41
N THR B 204 -0.62 12.62 -20.03
CA THR B 204 0.15 13.69 -19.38
C THR B 204 1.28 14.05 -20.36
N ARG B 205 1.33 15.30 -20.80
CA ARG B 205 2.37 15.75 -21.72
C ARG B 205 3.69 15.91 -20.94
N LEU B 206 4.80 15.43 -21.51
CA LEU B 206 6.12 15.50 -20.85
C LEU B 206 7.16 16.19 -21.76
N SER B 207 8.23 16.72 -21.14
CA SER B 207 9.33 17.39 -21.83
C SER B 207 10.35 16.35 -22.30
N TYR B 211 10.08 10.53 -17.42
CA TYR B 211 10.07 11.35 -16.18
C TYR B 211 11.00 10.76 -15.09
N TYR B 212 11.42 11.59 -14.07
CA TYR B 212 12.33 11.18 -12.98
C TYR B 212 11.60 11.06 -11.65
N THR B 213 11.84 9.96 -10.91
CA THR B 213 11.26 9.74 -9.57
C THR B 213 12.40 9.45 -8.61
N VAL B 214 12.21 9.78 -7.33
CA VAL B 214 13.24 9.53 -6.33
C VAL B 214 13.24 8.01 -6.00
N PRO B 215 14.40 7.31 -5.98
CA PRO B 215 14.35 5.86 -5.68
C PRO B 215 13.78 5.56 -4.30
N ARG B 216 13.04 4.43 -4.20
CA ARG B 216 12.39 3.95 -2.97
C ARG B 216 13.34 3.92 -1.77
N ARG B 217 14.59 3.42 -1.93
CA ARG B 217 15.55 3.37 -0.84
C ARG B 217 15.89 4.76 -0.28
N MET B 218 15.96 5.80 -1.13
CA MET B 218 16.27 7.15 -0.65
C MET B 218 15.11 7.72 0.12
N LEU B 219 13.88 7.55 -0.36
CA LEU B 219 12.70 8.08 0.32
C LEU B 219 12.46 7.41 1.66
N GLU B 220 12.66 6.09 1.75
CA GLU B 220 12.46 5.32 2.99
C GLU B 220 13.59 5.45 4.00
N PHE B 221 14.75 6.02 3.63
CA PHE B 221 15.88 6.10 4.55
C PHE B 221 15.67 7.05 5.73
N ARG B 222 15.96 6.56 6.96
CA ARG B 222 15.86 7.36 8.18
C ARG B 222 17.21 7.43 8.85
N SER B 223 17.62 8.62 9.27
CA SER B 223 18.94 8.86 9.87
C SER B 223 18.81 9.50 11.25
N VAL B 224 19.69 9.10 12.18
CA VAL B 224 19.74 9.69 13.52
C VAL B 224 20.26 11.15 13.37
N ASN B 225 19.78 12.06 14.25
CA ASN B 225 20.18 13.46 14.27
CA ASN B 225 20.17 13.47 14.27
C ASN B 225 19.96 14.14 12.90
N ALA B 226 18.84 13.84 12.24
CA ALA B 226 18.50 14.42 10.93
C ALA B 226 17.11 15.06 10.98
N VAL B 227 16.86 16.02 10.10
CA VAL B 227 15.59 16.72 9.98
C VAL B 227 15.06 16.42 8.59
N ALA B 228 13.87 15.83 8.51
CA ALA B 228 13.22 15.51 7.25
C ALA B 228 12.50 16.74 6.73
N PHE B 229 12.79 17.15 5.51
CA PHE B 229 12.09 18.27 4.88
C PHE B 229 10.94 17.68 4.11
N ASN B 230 9.73 17.78 4.66
CA ASN B 230 8.51 17.25 4.06
C ASN B 230 7.55 18.37 3.66
N LEU B 231 6.57 18.05 2.80
CA LEU B 231 5.55 19.01 2.37
C LEU B 231 4.17 18.41 2.60
N LEU B 232 3.21 19.21 3.07
CA LEU B 232 1.82 18.79 3.20
C LEU B 232 1.11 19.56 2.09
N VAL B 233 0.62 18.84 1.08
CA VAL B 233 -0.04 19.43 -0.07
C VAL B 233 -1.54 19.23 0.08
N THR B 234 -2.33 20.29 -0.10
CA THR B 234 -3.79 20.20 -0.05
C THR B 234 -4.33 20.37 -1.46
N LEU B 235 -5.22 19.45 -1.88
CA LEU B 235 -5.89 19.50 -3.18
C LEU B 235 -7.37 19.78 -2.98
N ARG B 236 -7.97 20.51 -3.93
CA ARG B 236 -9.42 20.75 -3.98
C ARG B 236 -9.90 19.88 -5.12
N ILE B 237 -10.85 18.99 -4.86
CA ILE B 237 -11.38 18.05 -5.88
C ILE B 237 -12.62 18.68 -6.49
N ASP B 238 -12.49 19.21 -7.73
CA ASP B 238 -13.55 19.92 -8.42
C ASP B 238 -14.52 18.99 -9.13
N LEU B 253 -16.26 22.92 -2.10
CA LEU B 253 -15.75 21.68 -2.66
C LEU B 253 -14.90 20.92 -1.63
N PRO B 254 -14.86 19.57 -1.72
CA PRO B 254 -14.06 18.80 -0.75
C PRO B 254 -12.56 18.91 -1.00
N GLU B 255 -11.79 18.67 0.06
CA GLU B 255 -10.33 18.71 0.00
C GLU B 255 -9.71 17.40 0.44
N ALA B 256 -8.46 17.19 0.05
CA ALA B 256 -7.67 16.04 0.43
C ALA B 256 -6.22 16.47 0.59
N THR B 257 -5.54 15.97 1.62
CA THR B 257 -4.13 16.29 1.82
C THR B 257 -3.25 15.06 1.66
N PHE B 258 -1.99 15.29 1.31
CA PHE B 258 -1.00 14.23 1.20
C PHE B 258 0.38 14.78 1.55
N MET B 259 1.24 13.93 2.10
CA MET B 259 2.58 14.35 2.49
C MET B 259 3.61 13.82 1.52
N VAL B 260 4.61 14.64 1.22
CA VAL B 260 5.70 14.32 0.32
C VAL B 260 7.01 14.46 1.09
N HIS B 261 7.96 13.55 0.86
CA HIS B 261 9.27 13.62 1.50
C HIS B 261 10.27 14.12 0.45
N ILE B 262 10.88 15.29 0.69
CA ILE B 262 11.85 15.87 -0.23
C ILE B 262 13.25 15.31 0.07
N GLY B 263 13.72 15.48 1.29
CA GLY B 263 15.05 15.03 1.67
C GLY B 263 15.35 15.28 3.11
N ASN B 264 16.56 14.97 3.52
CA ASN B 264 16.97 15.11 4.91
C ASN B 264 18.15 16.05 5.02
N PHE B 265 18.32 16.64 6.20
CA PHE B 265 19.48 17.48 6.48
C PHE B 265 19.93 17.29 7.91
N ARG B 266 21.22 17.54 8.18
CA ARG B 266 21.78 17.35 9.52
C ARG B 266 21.19 18.34 10.49
N ARG B 267 20.86 17.89 11.71
CA ARG B 267 20.35 18.77 12.74
C ARG B 267 21.58 19.39 13.43
N LYS B 268 21.66 20.73 13.45
CA LYS B 268 22.79 21.42 14.05
C LYS B 268 22.57 21.61 15.55
N GLU B 271 22.82 24.68 17.77
CA GLU B 271 22.19 25.68 16.92
C GLU B 271 20.76 25.24 16.52
N VAL B 272 19.83 26.22 16.42
CA VAL B 272 18.44 25.99 16.03
C VAL B 272 18.08 27.00 14.95
N TYR B 273 17.74 26.53 13.74
CA TYR B 273 17.35 27.44 12.65
C TYR B 273 16.04 28.12 13.02
N SER B 274 15.98 29.45 12.88
CA SER B 274 14.78 30.24 13.17
C SER B 274 13.65 29.91 12.16
N ALA B 275 12.43 30.40 12.43
CA ALA B 275 11.31 30.22 11.50
C ALA B 275 11.61 30.98 10.20
N ASP B 276 12.15 32.21 10.31
CA ASP B 276 12.51 33.02 9.15
C ASP B 276 13.77 32.53 8.43
N TYR B 277 14.69 31.78 9.10
CA TYR B 277 15.91 31.29 8.43
C TYR B 277 15.58 30.12 7.49
N CYS B 278 14.79 29.16 7.96
CA CYS B 278 14.39 28.04 7.13
C CYS B 278 13.46 28.52 6.02
N LYS B 279 12.54 29.44 6.35
CA LYS B 279 11.65 30.05 5.36
C LYS B 279 12.45 30.71 4.23
N MET B 280 13.56 31.37 4.58
CA MET B 280 14.46 32.03 3.63
C MET B 280 15.20 31.00 2.77
N LYS B 281 15.70 29.90 3.37
CA LYS B 281 16.41 28.84 2.65
C LYS B 281 15.49 28.16 1.65
N ILE B 282 14.24 27.89 2.06
CA ILE B 282 13.25 27.26 1.21
C ILE B 282 12.91 28.15 0.02
N GLU B 283 12.77 29.46 0.28
CA GLU B 283 12.49 30.44 -0.76
C GLU B 283 13.62 30.47 -1.80
N LYS B 284 14.87 30.36 -1.34
CA LYS B 284 16.06 30.35 -2.21
C LYS B 284 16.09 29.14 -3.16
N MET B 285 15.37 28.07 -2.87
CA MET B 285 15.32 26.89 -3.73
C MET B 285 14.44 27.11 -4.97
N GLY B 286 13.49 28.05 -4.91
CA GLY B 286 12.62 28.38 -6.03
C GLY B 286 11.80 27.19 -6.51
N LEU B 287 11.16 26.49 -5.57
CA LEU B 287 10.39 25.31 -5.92
C LEU B 287 9.12 25.70 -6.65
N VAL B 288 8.83 25.00 -7.76
CA VAL B 288 7.65 25.20 -8.59
C VAL B 288 6.93 23.86 -8.65
N PHE B 289 5.60 23.91 -8.52
CA PHE B 289 4.76 22.72 -8.45
C PHE B 289 3.69 22.69 -9.53
N ALA B 290 3.31 21.49 -9.93
CA ALA B 290 2.24 21.28 -10.90
C ALA B 290 1.68 19.86 -10.72
N LEU B 291 0.42 19.66 -11.13
CA LEU B 291 -0.20 18.34 -11.07
C LEU B 291 -0.10 17.68 -12.44
N GLY B 292 0.00 16.37 -12.43
CA GLY B 292 0.01 15.53 -13.61
C GLY B 292 -0.91 14.34 -13.41
N GLY B 293 -0.83 13.38 -14.30
CA GLY B 293 -1.64 12.18 -14.22
C GLY B 293 -0.83 10.90 -14.17
N ILE B 294 0.42 10.96 -13.67
CA ILE B 294 1.27 9.76 -13.61
C ILE B 294 0.70 8.82 -12.53
N GLY B 295 0.11 7.72 -12.98
CA GLY B 295 -0.53 6.74 -12.10
C GLY B 295 -1.92 7.14 -11.62
N GLY B 296 -2.48 8.23 -12.13
CA GLY B 296 -3.78 8.75 -11.74
C GLY B 296 -3.64 10.23 -11.45
N THR B 297 -3.07 10.55 -10.30
CA THR B 297 -2.77 11.92 -9.85
C THR B 297 -1.30 11.91 -9.44
N SER B 298 -0.54 12.95 -9.83
CA SER B 298 0.87 13.04 -9.46
C SER B 298 1.30 14.49 -9.23
N LEU B 299 2.29 14.69 -8.37
CA LEU B 299 2.84 16.00 -8.08
C LEU B 299 4.19 16.11 -8.78
N HIS B 300 4.43 17.21 -9.48
CA HIS B 300 5.68 17.45 -10.19
C HIS B 300 6.33 18.67 -9.55
N ILE B 301 7.60 18.53 -9.11
CA ILE B 301 8.34 19.60 -8.43
C ILE B 301 9.61 19.90 -9.25
N ARG B 302 9.94 21.19 -9.41
CA ARG B 302 11.16 21.61 -10.09
C ARG B 302 11.77 22.74 -9.27
N SER B 303 13.07 22.67 -8.94
CA SER B 303 13.74 23.75 -8.21
C SER B 303 14.43 24.68 -9.20
N THR B 304 13.84 25.85 -9.46
CA THR B 304 14.40 26.83 -10.39
C THR B 304 15.57 27.63 -9.77
N GLY B 305 15.55 27.84 -8.46
CA GLY B 305 16.58 28.60 -7.76
C GLY B 305 17.81 27.79 -7.41
N LYS B 306 18.51 28.21 -6.32
CA LYS B 306 19.74 27.57 -5.87
C LYS B 306 19.46 26.50 -4.81
N MET B 307 20.09 25.33 -4.97
CA MET B 307 19.90 24.20 -4.07
C MET B 307 20.83 24.32 -2.88
N SER B 308 20.30 23.99 -1.71
CA SER B 308 21.01 24.04 -0.44
C SER B 308 22.19 23.06 -0.43
N LYS B 309 23.36 23.50 0.03
CA LYS B 309 24.52 22.62 0.16
C LYS B 309 24.40 21.67 1.40
N THR B 310 23.39 21.89 2.29
CA THR B 310 23.15 21.08 3.49
C THR B 310 22.01 20.07 3.31
N LEU B 311 21.13 20.27 2.31
CA LEU B 311 20.00 19.36 2.03
C LEU B 311 20.43 18.19 1.17
N HIS B 312 20.24 16.95 1.68
CA HIS B 312 20.52 15.73 0.94
C HIS B 312 19.21 15.31 0.27
N ALA B 313 19.02 15.73 -0.98
CA ALA B 313 17.82 15.47 -1.77
C ALA B 313 18.21 15.19 -3.25
N GLN B 314 17.27 14.65 -4.04
CA GLN B 314 17.48 14.40 -5.46
C GLN B 314 16.87 15.52 -6.31
N LEU B 315 16.88 16.78 -5.81
CA LEU B 315 16.38 17.93 -6.55
C LEU B 315 17.58 18.56 -7.27
N GLY B 316 17.81 18.16 -8.50
CA GLY B 316 18.93 18.69 -9.29
C GLY B 316 18.68 20.10 -9.78
N PHE B 317 19.69 20.71 -10.41
CA PHE B 317 19.58 22.07 -10.96
C PHE B 317 18.33 22.26 -11.85
N LYS B 318 18.10 21.36 -12.81
CA LYS B 318 16.96 21.49 -13.71
C LYS B 318 16.32 20.14 -13.94
N LYS B 319 16.03 19.43 -12.85
CA LYS B 319 15.41 18.11 -12.84
C LYS B 319 13.99 18.26 -12.30
N THR B 320 12.99 17.68 -12.99
CA THR B 320 11.61 17.71 -12.51
C THR B 320 11.33 16.38 -11.83
N LEU B 321 11.09 16.40 -10.51
CA LEU B 321 10.79 15.19 -9.77
C LEU B 321 9.31 14.91 -9.84
N CYS B 322 8.97 13.66 -10.12
CA CYS B 322 7.59 13.23 -10.15
C CYS B 322 7.31 12.43 -8.88
N TYR B 323 6.19 12.73 -8.22
CA TYR B 323 5.77 12.06 -7.01
C TYR B 323 4.35 11.53 -7.26
N PRO B 324 4.20 10.30 -7.80
CA PRO B 324 2.85 9.78 -8.03
C PRO B 324 2.11 9.48 -6.73
N LEU B 325 0.85 9.91 -6.65
CA LEU B 325 0.02 9.64 -5.47
C LEU B 325 -0.22 8.11 -5.30
N MET B 326 -0.01 7.32 -6.36
CA MET B 326 -0.10 5.86 -6.38
C MET B 326 0.88 5.27 -5.35
N ASP B 327 2.07 5.91 -5.18
CA ASP B 327 3.10 5.52 -4.24
C ASP B 327 2.84 6.14 -2.87
N ILE B 328 2.43 7.42 -2.80
CA ILE B 328 2.22 8.10 -1.55
C ILE B 328 1.01 7.57 -0.75
N ASN B 329 -0.14 7.48 -1.40
CA ASN B 329 -1.36 7.02 -0.74
C ASN B 329 -2.23 6.38 -1.83
N GLU B 330 -2.00 5.08 -2.07
CA GLU B 330 -2.71 4.35 -3.12
C GLU B 330 -4.23 4.44 -3.00
N ASP B 331 -4.77 4.43 -1.78
CA ASP B 331 -6.22 4.52 -1.55
C ASP B 331 -6.79 5.86 -1.99
N LEU B 332 -6.15 6.97 -1.60
CA LEU B 332 -6.57 8.29 -2.01
C LEU B 332 -6.41 8.46 -3.52
N ASN B 333 -5.32 7.93 -4.09
CA ASN B 333 -5.11 7.96 -5.54
C ASN B 333 -6.27 7.30 -6.29
N ARG B 334 -6.78 6.15 -5.81
CA ARG B 334 -7.93 5.48 -6.42
C ARG B 334 -9.18 6.33 -6.30
N LEU B 335 -9.35 7.01 -5.17
CA LEU B 335 -10.50 7.87 -4.93
C LEU B 335 -10.51 9.06 -5.91
N LEU B 336 -9.32 9.59 -6.26
CA LEU B 336 -9.20 10.71 -7.20
C LEU B 336 -9.02 10.27 -8.66
N TRP B 337 -9.24 8.98 -9.00
CA TRP B 337 -8.99 8.49 -10.35
C TRP B 337 -9.65 9.27 -11.49
N ARG B 338 -10.93 9.65 -11.34
CA ARG B 338 -11.63 10.32 -12.45
C ARG B 338 -12.17 11.69 -12.01
N SER B 339 -11.32 12.49 -11.37
CA SER B 339 -11.70 13.80 -10.87
C SER B 339 -10.68 14.87 -11.23
N ARG B 340 -11.12 16.13 -11.33
CA ARG B 340 -10.23 17.25 -11.65
C ARG B 340 -9.68 17.76 -10.32
N CYS B 341 -8.36 17.89 -10.17
CA CYS B 341 -7.75 18.36 -8.92
C CYS B 341 -7.01 19.68 -9.10
N LYS B 342 -6.79 20.40 -8.01
CA LYS B 342 -6.06 21.66 -8.01
C LYS B 342 -5.32 21.80 -6.69
N ILE B 343 -4.04 22.22 -6.72
CA ILE B 343 -3.29 22.44 -5.50
C ILE B 343 -3.78 23.78 -4.96
N VAL B 344 -4.29 23.79 -3.72
CA VAL B 344 -4.78 25.02 -3.08
C VAL B 344 -3.91 25.44 -1.88
N ARG B 345 -3.01 24.58 -1.39
CA ARG B 345 -2.12 24.91 -0.28
C ARG B 345 -0.92 23.96 -0.25
N ILE B 346 0.25 24.48 0.12
CA ILE B 346 1.47 23.71 0.31
C ILE B 346 2.12 24.28 1.55
N GLN B 347 2.37 23.42 2.53
CA GLN B 347 2.99 23.81 3.79
C GLN B 347 4.24 22.96 3.94
N ALA B 348 5.31 23.56 4.45
CA ALA B 348 6.54 22.83 4.70
C ALA B 348 6.41 22.26 6.12
N VAL B 349 6.76 20.98 6.32
CA VAL B 349 6.66 20.35 7.62
C VAL B 349 8.03 19.74 7.89
N LEU B 350 8.80 20.35 8.80
CA LEU B 350 10.12 19.84 9.14
C LEU B 350 9.87 18.92 10.33
N GLN B 351 10.33 17.67 10.24
CA GLN B 351 10.08 16.68 11.29
C GLN B 351 11.35 15.89 11.59
N PRO B 352 11.42 15.17 12.71
CA PRO B 352 12.57 14.28 12.95
C PRO B 352 12.51 13.11 11.94
N SER B 353 13.62 12.40 11.78
CA SER B 353 13.68 11.29 10.81
C SER B 353 13.40 9.92 11.49
N VAL B 354 14.21 9.51 12.48
CA VAL B 354 14.01 8.22 13.15
C VAL B 354 12.86 8.31 14.17
N PRO B 355 12.04 7.24 14.34
CA PRO B 355 10.91 7.33 15.29
C PRO B 355 11.26 7.70 16.73
N GLN B 356 12.40 7.25 17.28
CA GLN B 356 12.78 7.57 18.66
C GLN B 356 13.01 9.06 18.92
N GLU B 357 13.15 9.86 17.87
CA GLU B 357 13.36 11.30 17.99
C GLU B 357 12.06 12.12 17.89
N PHE B 358 10.91 11.48 17.57
CA PHE B 358 9.61 12.16 17.55
C PHE B 358 9.19 12.60 18.97
N ARG B 359 9.62 11.84 19.98
CA ARG B 359 9.40 12.14 21.39
C ARG B 359 10.16 13.41 21.81
N ILE B 360 11.36 13.62 21.24
CA ILE B 360 12.26 14.72 21.59
C ILE B 360 11.99 16.00 20.80
N TYR B 361 11.80 15.89 19.50
CA TYR B 361 11.66 17.05 18.61
C TYR B 361 10.27 17.16 18.04
N ASP B 362 9.72 18.37 18.06
CA ASP B 362 8.39 18.63 17.54
C ASP B 362 8.43 18.98 16.04
N ASP B 363 7.27 18.97 15.38
CA ASP B 363 7.17 19.35 13.99
C ASP B 363 7.19 20.87 13.91
N VAL B 364 7.73 21.42 12.82
CA VAL B 364 7.73 22.84 12.56
C VAL B 364 7.02 23.02 11.22
N ILE B 365 5.85 23.65 11.24
CA ILE B 365 5.06 23.89 10.04
C ILE B 365 5.33 25.31 9.56
N ILE B 366 5.75 25.45 8.30
CA ILE B 366 6.06 26.73 7.68
C ILE B 366 4.99 26.96 6.60
N ASN B 367 4.06 27.88 6.86
CA ASN B 367 2.98 28.19 5.94
C ASN B 367 3.47 29.07 4.79
N ASP B 368 2.94 28.83 3.58
CA ASP B 368 3.36 29.54 2.38
C ASP B 368 2.89 31.00 2.29
N ASP B 369 3.80 31.88 2.67
CA ASP B 369 3.77 33.33 2.49
C ASP B 369 5.19 33.66 1.93
N GLN B 370 5.41 34.83 1.27
CA GLN B 370 6.72 35.11 0.65
C GLN B 370 6.94 34.32 -0.67
N GLY B 371 6.02 33.43 -1.04
CA GLY B 371 6.15 32.66 -2.27
C GLY B 371 7.27 31.67 -2.21
N LEU B 372 7.17 30.78 -1.23
CA LEU B 372 8.13 29.71 -1.09
C LEU B 372 7.90 28.68 -2.19
N PHE B 373 6.60 28.43 -2.53
CA PHE B 373 6.13 27.43 -3.47
C PHE B 373 5.25 28.09 -4.54
N LYS B 374 5.64 28.01 -5.82
CA LYS B 374 4.88 28.58 -6.93
C LYS B 374 4.06 27.44 -7.51
N VAL B 375 2.75 27.64 -7.69
CA VAL B 375 1.84 26.62 -8.23
C VAL B 375 1.41 27.04 -9.64
N LEU B 376 1.63 26.18 -10.63
CA LEU B 376 1.24 26.47 -12.02
C LEU B 376 -0.11 25.83 -12.32
#